data_5TTU
#
_entry.id   5TTU
#
_cell.length_a   47.200
_cell.length_b   75.750
_cell.length_c   90.110
_cell.angle_alpha   90.000
_cell.angle_beta   90.000
_cell.angle_gamma   90.000
#
_symmetry.space_group_name_H-M   'P 21 21 21'
#
loop_
_entity.id
_entity.type
_entity.pdbx_description
1 polymer 'Tyrosine-protein kinase JAK3'
2 non-polymer 1-[(3aR,7aR)-1-(7H-pyrrolo[2,3-d]pyrimidin-4-yl)octahydro-6H-pyrrolo[2,3-c]pyridin-6-yl]propan-1-one
3 non-polymer 'SULFATE ION'
4 water water
#
_entity_poly.entity_id   1
_entity_poly.type   'polypeptide(L)'
_entity_poly.pdbx_seq_one_letter_code
;MGHHHHHHQDPTIFEERHLKYISQLGKGNFGSVELCRYDPLGDNTGALVAVKQLQHSGPDQQRDFQREIQILKALHSDFI
VKYRGVSYGPGRQSLRLVMEYLPSGCLRDFLQRHRARLDASRLLLYSSQICKGMEYLGSRRCVHRDLAARNILVESEAHV
KIADFGLAKLLPLDKDYYVVREPGQSPIFWYAPESLSDNIFSRQSDVWSFGVVLYELFTYCDKSCSPSAEFLRMMGCERD
VPALSRLLELLEEGQRLPAPPACPAEVHELMKLCWAPSPQDRPSFSALGPQLDMLWSGSRGCETHAFTAHPEGKHHSLSF
S
;
_entity_poly.pdbx_strand_id   A
#
# COMPACT_ATOMS: atom_id res chain seq x y z
N THR A 12 12.89 -4.71 -21.61
CA THR A 12 12.53 -3.43 -20.99
C THR A 12 11.58 -2.59 -21.85
N ILE A 13 11.52 -2.90 -23.18
CA ILE A 13 10.63 -2.25 -24.15
C ILE A 13 9.69 -3.32 -24.69
N PHE A 14 8.39 -3.15 -24.41
CA PHE A 14 7.35 -4.11 -24.78
C PHE A 14 6.56 -3.56 -25.96
N GLU A 15 6.48 -4.33 -27.06
CA GLU A 15 5.71 -3.90 -28.24
C GLU A 15 4.22 -4.11 -27.98
N GLU A 16 3.40 -3.05 -28.18
CA GLU A 16 1.95 -3.04 -27.98
C GLU A 16 1.25 -4.22 -28.62
N ARG A 17 1.57 -4.50 -29.92
CA ARG A 17 0.98 -5.57 -30.71
CA ARG A 17 0.93 -5.56 -30.68
C ARG A 17 1.14 -6.97 -30.10
N HIS A 18 2.18 -7.17 -29.27
CA HIS A 18 2.46 -8.46 -28.64
C HIS A 18 1.85 -8.61 -27.24
N LEU A 19 1.24 -7.54 -26.69
CA LEU A 19 0.62 -7.64 -25.35
C LEU A 19 -0.83 -8.04 -25.55
N LYS A 20 -1.15 -9.30 -25.25
CA LYS A 20 -2.50 -9.86 -25.46
C LYS A 20 -3.39 -9.74 -24.22
N TYR A 21 -4.51 -9.04 -24.34
CA TYR A 21 -5.43 -8.82 -23.22
C TYR A 21 -6.08 -10.11 -22.73
N ILE A 22 -6.02 -10.37 -21.41
CA ILE A 22 -6.68 -11.55 -20.84
C ILE A 22 -7.87 -11.13 -20.00
N SER A 23 -7.61 -10.40 -18.91
CA SER A 23 -8.67 -10.00 -17.99
C SER A 23 -8.29 -8.75 -17.22
N GLN A 24 -9.25 -8.22 -16.45
CA GLN A 24 -9.08 -7.08 -15.59
C GLN A 24 -8.54 -7.59 -14.24
N LEU A 25 -7.53 -6.90 -13.69
CA LEU A 25 -7.01 -7.26 -12.35
C LEU A 25 -7.54 -6.29 -11.30
N GLY A 26 -7.90 -5.08 -11.71
CA GLY A 26 -8.50 -4.08 -10.83
C GLY A 26 -7.99 -2.68 -11.06
N LYS A 27 -8.40 -1.72 -10.20
CA LYS A 27 -7.98 -0.32 -10.25
C LYS A 27 -6.88 -0.12 -9.20
N GLY A 31 -6.61 4.83 -13.15
CA GLY A 31 -6.47 3.92 -14.28
C GLY A 31 -6.91 2.52 -13.97
N SER A 32 -6.40 1.53 -14.73
CA SER A 32 -6.74 0.12 -14.49
C SER A 32 -5.50 -0.74 -14.68
N VAL A 33 -5.50 -1.94 -14.11
CA VAL A 33 -4.42 -2.92 -14.22
C VAL A 33 -5.04 -4.14 -14.90
N GLU A 34 -4.45 -4.57 -16.02
CA GLU A 34 -4.96 -5.70 -16.78
C GLU A 34 -3.94 -6.79 -16.77
N LEU A 35 -4.42 -8.04 -16.78
CA LEU A 35 -3.58 -9.20 -16.93
C LEU A 35 -3.43 -9.38 -18.45
N CYS A 36 -2.20 -9.39 -18.93
CA CYS A 36 -1.87 -9.56 -20.33
C CYS A 36 -0.86 -10.66 -20.47
N ARG A 37 -0.84 -11.28 -21.66
CA ARG A 37 0.19 -12.24 -21.94
C ARG A 37 1.11 -11.53 -22.94
N TYR A 38 2.41 -11.48 -22.66
CA TYR A 38 3.33 -10.89 -23.63
C TYR A 38 3.66 -12.07 -24.54
N ASP A 39 2.97 -12.12 -25.68
CA ASP A 39 2.97 -13.29 -26.57
C ASP A 39 3.50 -12.97 -27.97
N PRO A 40 4.82 -12.70 -28.13
CA PRO A 40 5.33 -12.38 -29.47
C PRO A 40 5.19 -13.53 -30.48
N LEU A 41 5.09 -14.79 -29.98
CA LEU A 41 4.91 -15.96 -30.84
C LEU A 41 3.46 -16.18 -31.23
N GLY A 42 2.54 -15.47 -30.56
CA GLY A 42 1.10 -15.51 -30.82
C GLY A 42 0.46 -16.88 -30.66
N ASP A 43 1.07 -17.76 -29.86
CA ASP A 43 0.59 -19.13 -29.71
C ASP A 43 0.07 -19.44 -28.31
N ASN A 44 -0.15 -18.39 -27.47
CA ASN A 44 -0.65 -18.50 -26.08
C ASN A 44 0.36 -19.13 -25.15
N THR A 45 1.67 -19.05 -25.49
CA THR A 45 2.71 -19.63 -24.64
C THR A 45 3.53 -18.60 -23.85
N GLY A 46 3.45 -17.32 -24.23
CA GLY A 46 4.19 -16.24 -23.59
C GLY A 46 3.86 -16.02 -22.11
N ALA A 47 4.74 -15.25 -21.42
CA ALA A 47 4.63 -14.90 -20.00
C ALA A 47 3.53 -13.90 -19.70
N LEU A 48 2.93 -14.07 -18.51
CA LEU A 48 1.87 -13.20 -18.00
C LEU A 48 2.50 -11.96 -17.31
N VAL A 49 1.92 -10.78 -17.55
CA VAL A 49 2.42 -9.53 -16.95
C VAL A 49 1.23 -8.71 -16.51
N ALA A 50 1.44 -7.82 -15.54
CA ALA A 50 0.39 -6.91 -15.07
C ALA A 50 0.69 -5.58 -15.73
N VAL A 51 -0.30 -5.04 -16.42
CA VAL A 51 -0.11 -3.84 -17.22
C VAL A 51 -1.07 -2.75 -16.79
N LYS A 52 -0.51 -1.61 -16.40
CA LYS A 52 -1.31 -0.46 -15.96
C LYS A 52 -1.39 0.58 -17.09
N GLN A 53 -2.57 1.18 -17.29
CA GLN A 53 -2.77 2.24 -18.30
CA GLN A 53 -2.80 2.21 -18.33
C GLN A 53 -3.85 3.21 -17.81
N LEU A 54 -3.83 4.44 -18.31
CA LEU A 54 -4.83 5.46 -17.97
C LEU A 54 -5.98 5.26 -18.98
N GLN A 55 -7.18 5.77 -18.65
CA GLN A 55 -8.36 5.71 -19.51
C GLN A 55 -8.87 7.13 -19.72
N HIS A 56 -8.20 8.10 -19.09
CA HIS A 56 -8.55 9.50 -19.16
C HIS A 56 -7.35 10.33 -19.57
N SER A 57 -7.57 11.28 -20.48
CA SER A 57 -6.52 12.15 -20.99
C SER A 57 -6.11 13.18 -19.93
N GLY A 58 -5.72 14.37 -20.39
CA GLY A 58 -5.27 15.41 -19.48
C GLY A 58 -3.80 15.25 -19.23
N PRO A 59 -3.01 16.33 -19.39
CA PRO A 59 -1.57 16.22 -19.18
C PRO A 59 -1.20 15.98 -17.72
N ASP A 60 -2.12 16.26 -16.79
CA ASP A 60 -1.90 16.09 -15.35
C ASP A 60 -1.90 14.64 -14.93
N GLN A 61 -2.92 13.89 -15.36
CA GLN A 61 -3.05 12.46 -15.07
C GLN A 61 -1.93 11.74 -15.80
N GLN A 62 -1.61 12.18 -17.03
CA GLN A 62 -0.52 11.66 -17.84
C GLN A 62 0.83 11.96 -17.15
N ARG A 63 1.00 13.19 -16.62
CA ARG A 63 2.20 13.60 -15.89
C ARG A 63 2.34 12.79 -14.61
N ASP A 64 1.22 12.59 -13.88
CA ASP A 64 1.16 11.82 -12.63
C ASP A 64 1.56 10.37 -12.95
N PHE A 65 1.08 9.87 -14.11
CA PHE A 65 1.40 8.52 -14.53
C PHE A 65 2.90 8.37 -14.83
N GLN A 66 3.47 9.34 -15.54
CA GLN A 66 4.89 9.34 -15.87
C GLN A 66 5.75 9.41 -14.59
N ARG A 67 5.29 10.18 -13.58
CA ARG A 67 5.96 10.29 -12.27
C ARG A 67 5.99 8.90 -11.59
N GLU A 68 4.87 8.17 -11.64
CA GLU A 68 4.77 6.85 -11.02
C GLU A 68 5.76 5.87 -11.65
N ILE A 69 5.84 5.88 -13.00
CA ILE A 69 6.75 5.00 -13.76
C ILE A 69 8.20 5.30 -13.35
N GLN A 70 8.58 6.59 -13.27
CA GLN A 70 9.95 6.97 -12.88
C GLN A 70 10.29 6.52 -11.46
N ILE A 71 9.32 6.61 -10.52
CA ILE A 71 9.52 6.14 -9.14
C ILE A 71 9.73 4.63 -9.12
N LEU A 72 8.78 3.87 -9.69
CA LEU A 72 8.86 2.41 -9.65
C LEU A 72 10.10 1.81 -10.29
N LYS A 73 10.51 2.36 -11.44
CA LYS A 73 11.67 1.91 -12.21
C LYS A 73 12.96 2.01 -11.38
N ALA A 74 13.02 3.01 -10.51
CA ALA A 74 14.20 3.25 -9.67
C ALA A 74 14.15 2.52 -8.31
N LEU A 75 13.10 1.70 -8.05
CA LEU A 75 13.04 0.94 -6.80
C LEU A 75 13.46 -0.52 -7.06
N HIS A 76 14.40 -1.05 -6.25
CA HIS A 76 14.92 -2.39 -6.41
C HIS A 76 14.92 -3.05 -5.05
N SER A 77 13.85 -3.78 -4.74
CA SER A 77 13.69 -4.40 -3.44
C SER A 77 12.89 -5.68 -3.58
N ASP A 78 13.20 -6.66 -2.74
CA ASP A 78 12.42 -7.90 -2.72
C ASP A 78 11.00 -7.64 -2.19
N PHE A 79 10.78 -6.49 -1.52
CA PHE A 79 9.50 -6.16 -0.90
C PHE A 79 8.72 -5.07 -1.65
N ILE A 80 9.14 -4.78 -2.89
CA ILE A 80 8.43 -3.80 -3.73
C ILE A 80 8.17 -4.48 -5.07
N VAL A 81 6.94 -4.35 -5.57
CA VAL A 81 6.55 -4.99 -6.87
C VAL A 81 7.56 -4.60 -7.97
N LYS A 82 7.98 -5.58 -8.80
CA LYS A 82 8.97 -5.32 -9.84
C LYS A 82 8.44 -4.62 -11.06
N TYR A 83 9.14 -3.57 -11.43
CA TYR A 83 8.97 -2.85 -12.69
C TYR A 83 9.58 -3.77 -13.80
N ARG A 84 8.87 -3.98 -14.93
CA ARG A 84 9.44 -4.76 -16.06
C ARG A 84 9.80 -3.87 -17.22
N GLY A 85 8.98 -2.86 -17.47
CA GLY A 85 9.22 -1.92 -18.56
C GLY A 85 7.99 -1.12 -18.91
N VAL A 86 7.99 -0.55 -20.11
CA VAL A 86 6.89 0.26 -20.61
C VAL A 86 6.58 -0.18 -22.02
N SER A 87 5.35 0.13 -22.47
CA SER A 87 4.89 -0.07 -23.84
C SER A 87 4.38 1.29 -24.31
N TYR A 88 4.89 1.84 -25.44
CA TYR A 88 4.45 3.17 -25.91
C TYR A 88 3.24 3.11 -26.83
N LEU A 95 2.29 5.54 -22.35
CA LEU A 95 1.17 4.63 -22.59
C LEU A 95 0.90 3.51 -21.54
N ARG A 96 1.76 2.47 -21.42
CA ARG A 96 1.51 1.37 -20.47
C ARG A 96 2.70 1.05 -19.57
N LEU A 97 2.45 0.82 -18.29
CA LEU A 97 3.48 0.44 -17.34
C LEU A 97 3.37 -1.10 -17.18
N VAL A 98 4.46 -1.83 -17.44
CA VAL A 98 4.47 -3.29 -17.34
C VAL A 98 5.20 -3.71 -16.07
N MET A 99 4.53 -4.54 -15.23
CA MET A 99 5.09 -5.00 -13.95
C MET A 99 4.98 -6.52 -13.88
N GLU A 100 5.67 -7.14 -12.91
CA GLU A 100 5.49 -8.59 -12.72
C GLU A 100 4.07 -8.87 -12.27
N TYR A 101 3.53 -10.04 -12.66
CA TYR A 101 2.19 -10.44 -12.28
C TYR A 101 2.30 -11.35 -11.07
N LEU A 102 1.51 -11.06 -10.02
CA LEU A 102 1.46 -11.87 -8.81
C LEU A 102 0.03 -12.45 -8.74
N PRO A 103 -0.15 -13.70 -9.23
CA PRO A 103 -1.50 -14.28 -9.30
C PRO A 103 -2.24 -14.41 -7.97
N SER A 104 -1.52 -14.52 -6.83
CA SER A 104 -2.18 -14.55 -5.51
C SER A 104 -2.90 -13.22 -5.20
N GLY A 105 -2.57 -12.15 -5.94
CA GLY A 105 -3.28 -10.88 -5.79
C GLY A 105 -3.04 -10.16 -4.47
N CYS A 106 -3.95 -9.23 -4.10
CA CYS A 106 -3.79 -8.39 -2.93
C CYS A 106 -3.86 -9.14 -1.61
N LEU A 107 -3.12 -8.63 -0.64
CA LEU A 107 -3.05 -9.21 0.69
C LEU A 107 -4.41 -9.20 1.37
N ARG A 108 -5.23 -8.16 1.14
CA ARG A 108 -6.54 -8.10 1.78
C ARG A 108 -7.40 -9.35 1.49
N ASP A 109 -7.54 -9.72 0.20
CA ASP A 109 -8.37 -10.85 -0.21
C ASP A 109 -7.71 -12.14 0.18
N PHE A 110 -6.37 -12.19 0.09
CA PHE A 110 -5.59 -13.39 0.45
C PHE A 110 -5.82 -13.79 1.92
N LEU A 111 -5.80 -12.78 2.80
CA LEU A 111 -6.00 -12.98 4.24
C LEU A 111 -7.41 -13.50 4.51
N GLN A 112 -8.41 -12.97 3.79
CA GLN A 112 -9.81 -13.41 3.97
C GLN A 112 -9.96 -14.87 3.55
N ARG A 113 -9.37 -15.24 2.43
CA ARG A 113 -9.37 -16.55 1.76
C ARG A 113 -8.56 -17.58 2.57
N HIS A 114 -7.53 -17.13 3.31
CA HIS A 114 -6.67 -18.08 4.01
C HIS A 114 -6.73 -17.95 5.53
N ARG A 115 -7.72 -17.23 6.10
CA ARG A 115 -7.76 -16.99 7.56
C ARG A 115 -7.55 -18.21 8.44
N ALA A 116 -8.27 -19.30 8.15
CA ALA A 116 -8.15 -20.54 8.93
C ALA A 116 -6.79 -21.25 8.79
N ARG A 117 -5.89 -20.75 7.90
CA ARG A 117 -4.58 -21.37 7.64
C ARG A 117 -3.35 -20.57 8.10
N LEU A 118 -3.45 -19.23 8.23
CA LEU A 118 -2.29 -18.42 8.59
C LEU A 118 -2.28 -18.11 10.09
N ASP A 119 -1.15 -18.33 10.78
CA ASP A 119 -1.04 -18.08 12.23
C ASP A 119 -0.37 -16.74 12.51
N ALA A 120 -0.26 -16.36 13.79
CA ALA A 120 0.36 -15.10 14.22
C ALA A 120 1.78 -14.92 13.69
N SER A 121 2.57 -16.03 13.64
CA SER A 121 3.94 -15.97 13.13
C SER A 121 3.94 -15.50 11.67
N ARG A 122 3.04 -16.05 10.86
CA ARG A 122 2.92 -15.70 9.45
C ARG A 122 2.54 -14.20 9.30
N LEU A 123 1.57 -13.71 10.10
CA LEU A 123 1.18 -12.28 10.08
C LEU A 123 2.37 -11.39 10.44
N LEU A 124 3.20 -11.85 11.39
CA LEU A 124 4.40 -11.11 11.84
C LEU A 124 5.45 -11.11 10.75
N LEU A 125 5.55 -12.21 9.99
CA LEU A 125 6.46 -12.28 8.85
C LEU A 125 6.02 -11.23 7.79
N TYR A 126 4.71 -11.16 7.47
CA TYR A 126 4.24 -10.17 6.48
C TYR A 126 4.48 -8.77 6.97
N SER A 127 4.19 -8.51 8.27
CA SER A 127 4.40 -7.20 8.89
C SER A 127 5.87 -6.77 8.73
N SER A 128 6.81 -7.71 9.02
CA SER A 128 8.25 -7.43 8.93
CA SER A 128 8.25 -7.45 8.92
C SER A 128 8.67 -7.10 7.48
N GLN A 129 8.15 -7.84 6.52
CA GLN A 129 8.45 -7.61 5.10
C GLN A 129 7.90 -6.27 4.62
N ILE A 130 6.68 -5.89 5.04
CA ILE A 130 6.10 -4.60 4.65
C ILE A 130 6.94 -3.49 5.28
N CYS A 131 7.33 -3.69 6.55
CA CYS A 131 8.13 -2.70 7.26
C CYS A 131 9.48 -2.48 6.51
N LYS A 132 10.16 -3.57 6.12
CA LYS A 132 11.42 -3.51 5.36
C LYS A 132 11.24 -2.78 4.03
N GLY A 133 10.14 -3.04 3.32
CA GLY A 133 9.83 -2.34 2.07
C GLY A 133 9.66 -0.85 2.32
N MET A 134 9.00 -0.51 3.42
CA MET A 134 8.76 0.88 3.80
C MET A 134 10.03 1.64 4.25
N GLU A 135 10.91 0.94 4.97
CA GLU A 135 12.20 1.47 5.38
C GLU A 135 12.98 1.83 4.11
N TYR A 136 12.99 0.91 3.14
CA TYR A 136 13.64 1.16 1.86
C TYR A 136 13.00 2.36 1.13
N LEU A 137 11.67 2.40 1.05
CA LEU A 137 11.03 3.53 0.38
C LEU A 137 11.40 4.86 1.02
N GLY A 138 11.46 4.90 2.35
CA GLY A 138 11.84 6.09 3.10
C GLY A 138 13.27 6.51 2.79
N SER A 139 14.18 5.53 2.61
CA SER A 139 15.59 5.76 2.24
C SER A 139 15.70 6.39 0.85
N ARG A 140 14.64 6.20 0.00
CA ARG A 140 14.58 6.78 -1.33
C ARG A 140 13.84 8.10 -1.33
N ARG A 141 13.46 8.58 -0.14
CA ARG A 141 12.69 9.81 0.07
C ARG A 141 11.31 9.68 -0.57
N CYS A 142 10.77 8.46 -0.61
CA CYS A 142 9.47 8.23 -1.25
C CYS A 142 8.39 8.07 -0.17
N VAL A 143 7.31 8.85 -0.29
CA VAL A 143 6.11 8.76 0.58
C VAL A 143 5.09 7.99 -0.32
N HIS A 144 4.61 6.86 0.17
CA HIS A 144 3.70 6.00 -0.57
C HIS A 144 2.29 6.61 -0.63
N ARG A 145 1.78 7.09 0.52
CA ARG A 145 0.47 7.78 0.70
C ARG A 145 -0.79 6.88 0.65
N ASP A 146 -0.64 5.60 0.24
CA ASP A 146 -1.80 4.74 0.10
C ASP A 146 -1.50 3.33 0.62
N LEU A 147 -0.74 3.26 1.72
CA LEU A 147 -0.41 1.94 2.23
C LEU A 147 -1.68 1.34 2.88
N ALA A 148 -2.12 0.16 2.39
CA ALA A 148 -3.32 -0.54 2.89
C ALA A 148 -3.19 -1.95 2.39
N ALA A 149 -3.86 -2.92 3.07
CA ALA A 149 -3.72 -4.32 2.67
C ALA A 149 -4.18 -4.54 1.23
N ARG A 150 -5.12 -3.75 0.74
CA ARG A 150 -5.60 -3.89 -0.64
C ARG A 150 -4.49 -3.48 -1.67
N ASN A 151 -3.43 -2.77 -1.20
CA ASN A 151 -2.35 -2.29 -2.07
C ASN A 151 -1.03 -3.03 -1.89
N ILE A 152 -1.10 -4.17 -1.20
CA ILE A 152 0.05 -5.02 -0.95
C ILE A 152 -0.29 -6.30 -1.71
N LEU A 153 0.69 -6.87 -2.41
CA LEU A 153 0.50 -8.08 -3.19
C LEU A 153 1.16 -9.24 -2.52
N VAL A 154 0.67 -10.44 -2.81
CA VAL A 154 1.21 -11.67 -2.25
C VAL A 154 1.96 -12.39 -3.38
N GLU A 155 3.26 -12.59 -3.19
CA GLU A 155 4.16 -13.26 -4.16
C GLU A 155 4.05 -14.77 -3.89
N SER A 156 3.95 -15.14 -2.60
CA SER A 156 3.80 -16.52 -2.17
C SER A 156 3.31 -16.51 -0.72
N GLU A 157 2.96 -17.71 -0.20
CA GLU A 157 2.50 -17.96 1.16
C GLU A 157 3.41 -17.25 2.20
N ALA A 158 4.71 -17.06 1.89
CA ALA A 158 5.69 -16.49 2.81
C ALA A 158 6.38 -15.21 2.28
N HIS A 159 5.73 -14.49 1.35
CA HIS A 159 6.39 -13.30 0.80
C HIS A 159 5.35 -12.35 0.24
N VAL A 160 5.38 -11.10 0.72
CA VAL A 160 4.49 -10.01 0.25
C VAL A 160 5.33 -8.88 -0.32
N LYS A 161 4.70 -8.03 -1.15
CA LYS A 161 5.38 -6.90 -1.79
C LYS A 161 4.43 -5.69 -1.85
N ILE A 162 4.96 -4.49 -1.61
CA ILE A 162 4.18 -3.26 -1.71
C ILE A 162 3.95 -2.92 -3.16
N ALA A 163 2.73 -2.51 -3.52
CA ALA A 163 2.42 -2.12 -4.89
C ALA A 163 1.63 -0.84 -4.88
N ASP A 164 0.98 -0.50 -6.04
CA ASP A 164 0.05 0.64 -6.15
CA ASP A 164 0.08 0.62 -6.20
C ASP A 164 0.73 1.98 -5.81
N PHE A 165 1.70 2.38 -6.60
CA PHE A 165 2.50 3.61 -6.43
C PHE A 165 1.90 4.86 -7.08
N GLY A 166 0.64 4.80 -7.47
CA GLY A 166 -0.05 5.90 -8.16
C GLY A 166 -0.18 7.22 -7.39
N LEU A 167 -0.08 7.18 -6.07
CA LEU A 167 -0.16 8.40 -5.24
C LEU A 167 1.19 8.76 -4.62
N ALA A 168 2.22 7.97 -4.91
CA ALA A 168 3.54 8.17 -4.31
C ALA A 168 4.19 9.47 -4.77
N LYS A 169 4.98 10.07 -3.89
CA LYS A 169 5.66 11.33 -4.20
C LYS A 169 7.08 11.27 -3.65
N LEU A 170 8.02 11.98 -4.31
CA LEU A 170 9.39 12.01 -3.79
C LEU A 170 9.55 13.32 -3.02
N LEU A 171 10.14 13.23 -1.83
CA LEU A 171 10.37 14.41 -0.99
C LEU A 171 11.60 15.13 -1.48
N PRO A 172 11.53 16.45 -1.68
CA PRO A 172 12.74 17.20 -2.05
C PRO A 172 13.80 17.05 -0.94
N LEU A 173 15.07 17.29 -1.27
CA LEU A 173 16.14 17.10 -0.27
C LEU A 173 16.00 17.97 1.00
N ASP A 174 15.40 19.16 0.89
CA ASP A 174 15.34 20.08 2.03
C ASP A 174 14.00 20.12 2.79
N LYS A 175 13.07 19.20 2.47
CA LYS A 175 11.75 19.21 3.07
C LYS A 175 11.31 17.78 3.30
N ASP A 176 10.94 17.44 4.56
CA ASP A 176 10.56 16.07 4.94
C ASP A 176 9.06 15.78 4.92
N TYR A 177 8.25 16.67 4.34
CA TYR A 177 6.80 16.49 4.20
C TYR A 177 6.31 17.16 2.91
N TYR A 178 5.06 16.89 2.51
CA TYR A 178 4.46 17.47 1.32
C TYR A 178 3.03 17.86 1.66
N VAL A 179 2.54 18.95 1.08
CA VAL A 179 1.17 19.39 1.26
C VAL A 179 0.44 19.21 -0.07
N VAL A 180 -0.67 18.44 -0.06
CA VAL A 180 -1.47 18.22 -1.27
C VAL A 180 -2.55 19.31 -1.35
N ARG A 181 -2.85 19.82 -2.56
CA ARG A 181 -3.83 20.89 -2.75
C ARG A 181 -5.27 20.46 -2.43
N GLU A 182 -5.73 19.36 -3.06
CA GLU A 182 -7.06 18.82 -2.87
C GLU A 182 -7.02 17.62 -1.89
N PRO A 183 -7.97 17.52 -0.93
CA PRO A 183 -7.97 16.34 -0.03
C PRO A 183 -8.07 15.01 -0.79
N GLY A 184 -7.62 13.95 -0.13
CA GLY A 184 -7.60 12.62 -0.70
C GLY A 184 -8.92 12.06 -1.18
N GLN A 185 -8.84 11.11 -2.12
CA GLN A 185 -9.96 10.41 -2.69
C GLN A 185 -9.98 8.96 -2.20
N SER A 186 -9.02 8.61 -1.34
CA SER A 186 -8.95 7.25 -0.79
C SER A 186 -9.86 7.11 0.45
N PRO A 187 -10.32 5.88 0.83
CA PRO A 187 -11.12 5.75 2.08
C PRO A 187 -10.37 6.39 3.24
N ILE A 188 -11.06 7.29 3.99
CA ILE A 188 -10.45 8.15 5.00
C ILE A 188 -9.81 7.46 6.23
N PHE A 189 -10.11 6.18 6.40
CA PHE A 189 -9.75 5.39 7.60
C PHE A 189 -8.29 4.98 7.74
N TRP A 190 -7.46 5.27 6.74
CA TRP A 190 -6.03 4.98 6.77
C TRP A 190 -5.19 6.26 6.97
N TYR A 191 -5.81 7.46 6.85
CA TYR A 191 -5.08 8.73 6.92
C TYR A 191 -4.70 9.15 8.34
N ALA A 192 -3.50 9.69 8.48
CA ALA A 192 -2.99 10.23 9.74
C ALA A 192 -3.79 11.53 10.07
N PRO A 193 -3.88 11.93 11.36
CA PRO A 193 -4.65 13.16 11.69
C PRO A 193 -4.21 14.40 10.92
N GLU A 194 -2.87 14.59 10.76
CA GLU A 194 -2.33 15.73 10.01
C GLU A 194 -2.68 15.72 8.52
N SER A 195 -2.95 14.51 7.96
CA SER A 195 -3.36 14.41 6.57
C SER A 195 -4.83 14.80 6.49
N LEU A 196 -5.64 14.34 7.47
CA LEU A 196 -7.06 14.67 7.51
C LEU A 196 -7.28 16.19 7.75
N SER A 197 -6.52 16.76 8.67
CA SER A 197 -6.70 18.17 9.04
C SER A 197 -6.06 19.14 8.07
N ASP A 198 -4.80 18.85 7.68
CA ASP A 198 -4.02 19.80 6.88
C ASP A 198 -3.46 19.32 5.54
N ASN A 199 -3.85 18.11 5.07
CA ASN A 199 -3.37 17.53 3.80
C ASN A 199 -1.87 17.36 3.77
N ILE A 200 -1.26 17.15 4.95
CA ILE A 200 0.18 16.96 5.09
C ILE A 200 0.49 15.47 4.98
N PHE A 201 1.45 15.13 4.13
CA PHE A 201 1.92 13.77 4.00
C PHE A 201 3.42 13.69 4.20
N SER A 202 3.90 12.60 4.77
CA SER A 202 5.32 12.39 5.08
C SER A 202 5.58 10.91 5.31
N ARG A 203 6.84 10.53 5.58
CA ARG A 203 7.17 9.14 5.93
C ARG A 203 6.51 8.76 7.25
N GLN A 204 6.23 9.77 8.11
CA GLN A 204 5.56 9.59 9.41
C GLN A 204 4.08 9.33 9.27
N SER A 205 3.44 9.89 8.22
CA SER A 205 2.03 9.57 7.98
C SER A 205 1.94 8.15 7.37
N ASP A 206 3.03 7.70 6.66
CA ASP A 206 3.07 6.31 6.16
C ASP A 206 3.20 5.36 7.35
N VAL A 207 3.91 5.76 8.45
CA VAL A 207 3.97 4.94 9.68
C VAL A 207 2.54 4.82 10.26
N TRP A 208 1.76 5.91 10.30
CA TRP A 208 0.38 5.84 10.83
C TRP A 208 -0.42 4.80 10.01
N SER A 209 -0.37 4.93 8.68
CA SER A 209 -1.02 3.99 7.76
C SER A 209 -0.58 2.56 7.99
N PHE A 210 0.72 2.34 8.28
CA PHE A 210 1.25 1.02 8.57
C PHE A 210 0.59 0.44 9.85
N GLY A 211 0.27 1.32 10.83
CA GLY A 211 -0.41 0.86 12.02
C GLY A 211 -1.80 0.33 11.66
N VAL A 212 -2.43 0.95 10.68
CA VAL A 212 -3.73 0.47 10.17
C VAL A 212 -3.53 -0.86 9.42
N VAL A 213 -2.43 -1.00 8.66
CA VAL A 213 -2.11 -2.28 7.99
C VAL A 213 -1.88 -3.41 9.03
N LEU A 214 -1.20 -3.10 10.16
CA LEU A 214 -1.01 -4.12 11.24
C LEU A 214 -2.39 -4.56 11.76
N TYR A 215 -3.28 -3.59 11.96
CA TYR A 215 -4.67 -3.88 12.36
C TYR A 215 -5.37 -4.78 11.33
N GLU A 216 -5.25 -4.47 10.02
CA GLU A 216 -5.82 -5.27 8.95
C GLU A 216 -5.27 -6.68 9.00
N LEU A 217 -3.95 -6.82 9.14
CA LEU A 217 -3.33 -8.16 9.20
C LEU A 217 -3.92 -8.96 10.37
N PHE A 218 -3.99 -8.33 11.54
CA PHE A 218 -4.43 -9.02 12.75
C PHE A 218 -5.93 -9.30 12.86
N THR A 219 -6.73 -8.70 11.97
CA THR A 219 -8.18 -8.97 11.82
C THR A 219 -8.41 -9.89 10.60
N TYR A 220 -7.31 -10.27 9.88
CA TYR A 220 -7.38 -11.03 8.62
C TYR A 220 -8.28 -10.34 7.63
N CYS A 221 -8.31 -9.01 7.69
CA CYS A 221 -9.16 -8.17 6.83
C CYS A 221 -10.66 -8.53 6.88
N ASP A 222 -11.11 -8.96 8.08
CA ASP A 222 -12.53 -9.29 8.28
C ASP A 222 -13.32 -8.04 8.06
N LYS A 223 -14.36 -8.10 7.17
CA LYS A 223 -15.15 -6.90 6.88
C LYS A 223 -15.93 -6.39 8.08
N SER A 224 -16.30 -7.26 9.01
CA SER A 224 -17.10 -6.83 10.16
C SER A 224 -16.36 -5.94 11.14
N CYS A 225 -15.03 -6.10 11.24
CA CYS A 225 -14.25 -5.25 12.13
C CYS A 225 -13.23 -4.47 11.34
N SER A 226 -13.49 -4.20 10.07
CA SER A 226 -12.57 -3.48 9.19
C SER A 226 -12.42 -2.03 9.64
N PRO A 227 -11.33 -1.35 9.24
CA PRO A 227 -11.17 0.05 9.63
C PRO A 227 -12.40 0.90 9.33
N SER A 228 -13.04 0.73 8.15
CA SER A 228 -14.27 1.49 7.87
C SER A 228 -15.43 1.12 8.79
N ALA A 229 -15.71 -0.18 8.94
CA ALA A 229 -16.84 -0.65 9.75
C ALA A 229 -16.68 -0.25 11.20
N GLU A 230 -15.48 -0.43 11.76
CA GLU A 230 -15.25 -0.11 13.15
C GLU A 230 -15.22 1.38 13.45
N PHE A 231 -14.50 2.16 12.63
CA PHE A 231 -14.50 3.60 12.87
C PHE A 231 -15.93 4.18 12.69
N LEU A 232 -16.68 3.75 11.66
CA LEU A 232 -18.06 4.28 11.47
C LEU A 232 -18.95 3.93 12.68
N ARG A 233 -18.76 2.73 13.23
CA ARG A 233 -19.50 2.30 14.42
C ARG A 233 -19.14 3.18 15.63
N MET A 234 -17.84 3.49 15.81
CA MET A 234 -17.39 4.34 16.90
C MET A 234 -17.80 5.80 16.72
N MET A 235 -17.91 6.27 15.45
CA MET A 235 -18.21 7.66 15.06
C MET A 235 -19.62 8.11 15.44
N VAL A 241 -22.81 17.09 10.59
CA VAL A 241 -21.35 17.00 10.77
C VAL A 241 -20.71 16.07 9.71
N PRO A 242 -19.76 16.56 8.88
CA PRO A 242 -19.13 15.69 7.86
C PRO A 242 -18.36 14.55 8.51
N ALA A 243 -18.43 13.34 7.91
CA ALA A 243 -17.74 12.13 8.40
C ALA A 243 -16.24 12.35 8.63
N LEU A 244 -15.56 13.09 7.71
CA LEU A 244 -14.12 13.40 7.81
C LEU A 244 -13.85 14.16 9.11
N SER A 245 -14.69 15.16 9.42
CA SER A 245 -14.63 15.97 10.64
C SER A 245 -14.95 15.12 11.88
N ARG A 246 -15.94 14.18 11.80
CA ARG A 246 -16.29 13.28 12.91
C ARG A 246 -15.10 12.33 13.22
N LEU A 247 -14.41 11.83 12.17
CA LEU A 247 -13.26 10.95 12.38
C LEU A 247 -12.11 11.70 13.00
N LEU A 248 -11.85 12.90 12.48
CA LEU A 248 -10.75 13.75 12.99
C LEU A 248 -10.99 14.05 14.49
N GLU A 249 -12.25 14.33 14.87
CA GLU A 249 -12.69 14.57 16.26
C GLU A 249 -12.37 13.37 17.16
N LEU A 250 -12.76 12.14 16.71
CA LEU A 250 -12.54 10.86 17.35
C LEU A 250 -11.03 10.66 17.65
N LEU A 251 -10.19 10.84 16.62
CA LEU A 251 -8.74 10.64 16.74
C LEU A 251 -8.10 11.65 17.69
N GLU A 252 -8.52 12.91 17.59
CA GLU A 252 -8.01 14.01 18.42
C GLU A 252 -8.33 13.79 19.90
N GLU A 253 -9.46 13.12 20.19
CA GLU A 253 -9.88 12.74 21.56
C GLU A 253 -9.00 11.62 22.12
N GLY A 254 -8.20 10.98 21.25
CA GLY A 254 -7.34 9.87 21.64
C GLY A 254 -7.98 8.52 21.40
N GLN A 255 -9.19 8.47 20.77
CA GLN A 255 -9.85 7.21 20.49
C GLN A 255 -9.13 6.54 19.33
N ARG A 256 -9.03 5.22 19.38
CA ARG A 256 -8.33 4.42 18.36
C ARG A 256 -9.13 3.17 18.08
N LEU A 257 -8.76 2.49 16.97
CA LEU A 257 -9.35 1.18 16.66
C LEU A 257 -9.05 0.22 17.82
N PRO A 258 -9.99 -0.68 18.15
CA PRO A 258 -9.76 -1.57 19.28
C PRO A 258 -8.79 -2.68 18.92
N ALA A 259 -8.12 -3.24 19.92
CA ALA A 259 -7.25 -4.37 19.62
C ALA A 259 -8.07 -5.46 18.90
N PRO A 260 -7.57 -5.99 17.76
CA PRO A 260 -8.28 -7.07 17.06
C PRO A 260 -8.55 -8.29 17.96
N PRO A 261 -9.64 -9.05 17.73
CA PRO A 261 -9.85 -10.28 18.52
C PRO A 261 -8.61 -11.18 18.52
N ALA A 262 -8.21 -11.67 19.71
CA ALA A 262 -7.04 -12.56 19.94
C ALA A 262 -5.67 -11.93 19.59
N CYS A 263 -5.62 -10.60 19.36
CA CYS A 263 -4.37 -9.93 19.02
C CYS A 263 -3.31 -10.09 20.12
N PRO A 264 -2.06 -10.47 19.77
CA PRO A 264 -1.01 -10.50 20.80
C PRO A 264 -0.85 -9.09 21.37
N ALA A 265 -0.74 -8.95 22.71
CA ALA A 265 -0.61 -7.64 23.36
C ALA A 265 0.51 -6.78 22.81
N GLU A 266 1.65 -7.38 22.52
CA GLU A 266 2.84 -6.70 22.01
C GLU A 266 2.57 -6.06 20.64
N VAL A 267 1.76 -6.74 19.80
CA VAL A 267 1.42 -6.24 18.46
C VAL A 267 0.50 -5.03 18.60
N HIS A 268 -0.52 -5.15 19.46
CA HIS A 268 -1.44 -4.03 19.70
C HIS A 268 -0.66 -2.82 20.24
N GLU A 269 0.34 -3.04 21.09
CA GLU A 269 1.14 -1.91 21.57
C GLU A 269 1.92 -1.19 20.45
N LEU A 270 2.40 -1.92 19.43
CA LEU A 270 3.13 -1.32 18.31
C LEU A 270 2.18 -0.49 17.46
N MET A 271 0.94 -1.00 17.25
CA MET A 271 -0.10 -0.24 16.53
C MET A 271 -0.29 1.12 17.21
N LYS A 272 -0.45 1.13 18.54
CA LYS A 272 -0.70 2.38 19.28
C LYS A 272 0.44 3.35 19.13
N LEU A 273 1.69 2.84 19.02
CA LEU A 273 2.85 3.71 18.80
C LEU A 273 2.82 4.32 17.40
N CYS A 274 2.39 3.52 16.40
CA CYS A 274 2.24 4.04 15.04
C CYS A 274 1.20 5.12 15.01
N TRP A 275 0.22 5.03 15.93
CA TRP A 275 -0.88 5.98 15.97
C TRP A 275 -0.65 7.13 16.97
N ALA A 276 0.63 7.46 17.26
CA ALA A 276 0.93 8.61 18.14
C ALA A 276 0.33 9.86 17.49
N PRO A 277 -0.34 10.73 18.27
CA PRO A 277 -0.96 11.91 17.68
C PRO A 277 0.02 12.77 16.88
N SER A 278 1.23 12.94 17.41
CA SER A 278 2.24 13.78 16.74
C SER A 278 3.14 12.95 15.82
N PRO A 279 3.33 13.40 14.57
CA PRO A 279 4.16 12.62 13.61
C PRO A 279 5.58 12.34 14.13
N GLN A 280 6.18 13.32 14.83
CA GLN A 280 7.53 13.13 15.39
C GLN A 280 7.63 12.11 16.52
N ASP A 281 6.48 11.73 17.16
CA ASP A 281 6.47 10.75 18.24
C ASP A 281 6.29 9.31 17.75
N ARG A 282 5.95 9.14 16.46
CA ARG A 282 5.74 7.82 15.89
C ARG A 282 7.09 7.15 15.69
N PRO A 283 7.22 5.83 15.90
CA PRO A 283 8.51 5.19 15.65
C PRO A 283 8.79 5.22 14.16
N SER A 284 10.08 5.14 13.79
CA SER A 284 10.42 5.09 12.37
C SER A 284 10.30 3.64 11.92
N PHE A 285 10.23 3.38 10.59
CA PHE A 285 10.24 1.99 10.11
C PHE A 285 11.56 1.27 10.51
N SER A 286 12.69 2.02 10.63
CA SER A 286 13.97 1.41 11.04
C SER A 286 13.85 0.90 12.46
N ALA A 287 13.13 1.65 13.32
CA ALA A 287 12.90 1.26 14.72
C ALA A 287 11.92 0.09 14.83
N LEU A 288 10.84 0.09 14.01
CA LEU A 288 9.83 -0.98 14.01
C LEU A 288 10.31 -2.37 13.57
N GLY A 289 11.15 -2.42 12.52
CA GLY A 289 11.66 -3.65 11.94
C GLY A 289 12.20 -4.68 12.93
N PRO A 290 13.26 -4.33 13.72
CA PRO A 290 13.81 -5.30 14.68
C PRO A 290 12.83 -5.82 15.74
N GLN A 291 11.87 -4.98 16.15
CA GLN A 291 10.81 -5.33 17.12
C GLN A 291 9.84 -6.35 16.55
N LEU A 292 9.50 -6.20 15.25
CA LEU A 292 8.64 -7.16 14.56
C LEU A 292 9.38 -8.49 14.39
N ASP A 293 10.69 -8.41 14.09
CA ASP A 293 11.55 -9.59 13.92
C ASP A 293 11.72 -10.37 15.22
N MET A 294 11.86 -9.65 16.36
CA MET A 294 11.95 -10.27 17.69
C MET A 294 10.66 -11.04 18.02
N LEU A 295 9.48 -10.42 17.75
CA LEU A 295 8.18 -11.06 18.01
C LEU A 295 7.94 -12.28 17.16
N TRP A 296 8.50 -12.26 15.93
CA TRP A 296 8.39 -13.35 14.98
C TRP A 296 9.30 -14.51 15.40
#